data_1P57
#
_entry.id   1P57
#
_cell.length_a   58.800
_cell.length_b   47.800
_cell.length_c   63.100
_cell.angle_alpha   90.00
_cell.angle_beta   104.80
_cell.angle_gamma   90.00
#
_symmetry.space_group_name_H-M   'P 1 21 1'
#
loop_
_entity.id
_entity.type
_entity.pdbx_description
1 polymer 'Serine protease hepsin'
2 polymer 'Serine protease hepsin'
3 non-polymer 2-{5-[AMINO(IMINIO)METHYL]-1H-BENZIMIDAZOL-2-YL}BENZENOLATE
4 water water
#
loop_
_entity_poly.entity_id
_entity_poly.type
_entity_poly.pdbx_seq_one_letter_code
_entity_poly.pdbx_strand_id
1 'polypeptide(L)'
;SDQEPLYPVQVSSADARLMVFDKTEGTWRLLCSSRSNARVAGLSCEEMGFLRALTHSELDVRTAGAAGTSGFFCVDEGRL
PHTQRLLEVISVCDCPRGRFLAAICQDCGRRKLP
;
A
2 'polypeptide(L)'
;IVGGRDTSLGRWPWQVSLRYDGAHLCGGSLLSGDWVLTAAHCFPERNRVLSRWRVFAGAVAQASPHGLQLGVQAVVYHGG
YLPFRDPNSEENSNDIALVHLSSPLPLTEYIQPVCLPAAGQALVDGKICTVTGWGNTQYYGQQAGVLQEARVPIISNDVC
NGADFYGNQIKPKMFCAGYPEGGIDACQGDSGGPFVCEDSISRTPRWRLCGIVSWGTGCALAQKPGVYTKVSDFREWIFQ
AIKTHSEASGMVTQL
;
B
#
loop_
_chem_comp.id
_chem_comp.type
_chem_comp.name
_chem_comp.formula
CR4 non-polymer 2-{5-[AMINO(IMINIO)METHYL]-1H-BENZIMIDAZOL-2-YL}BENZENOLATE 'C14 H12 N4 O'
#
# COMPACT_ATOMS: atom_id res chain seq x y z
N PRO A 5 -2.09 20.24 5.70
CA PRO A 5 -2.37 18.84 6.15
C PRO A 5 -1.06 18.02 6.04
N LEU A 6 0.07 18.63 6.31
CA LEU A 6 1.35 17.88 6.21
C LEU A 6 1.41 16.81 7.25
N TYR A 7 2.14 15.79 6.93
CA TYR A 7 2.27 14.67 7.86
C TYR A 7 3.39 15.20 8.81
N PRO A 8 3.32 14.93 10.08
CA PRO A 8 4.34 15.40 11.07
C PRO A 8 5.73 14.85 10.86
N VAL A 9 5.87 13.82 10.10
CA VAL A 9 7.23 13.25 9.84
C VAL A 9 7.44 13.43 8.30
N GLN A 10 8.57 14.04 7.99
CA GLN A 10 8.99 14.33 6.60
C GLN A 10 10.44 13.95 6.43
N VAL A 11 10.78 13.71 5.19
CA VAL A 11 12.16 13.33 4.85
C VAL A 11 12.47 14.29 3.69
N SER A 12 13.68 14.80 3.69
CA SER A 12 14.11 15.74 2.63
C SER A 12 14.45 15.02 1.36
N SER A 13 14.12 15.63 0.27
CA SER A 13 14.41 15.02 -1.06
C SER A 13 15.81 15.46 -1.48
N ALA A 14 16.37 16.45 -0.81
CA ALA A 14 17.74 16.92 -1.19
C ALA A 14 18.78 16.05 -0.51
N ASP A 15 18.61 15.80 0.77
CA ASP A 15 19.62 14.94 1.47
C ASP A 15 19.08 13.89 2.44
N ALA A 16 17.81 13.55 2.30
CA ALA A 16 17.13 12.53 3.17
C ALA A 16 17.16 12.76 4.67
N ARG A 17 17.39 13.98 5.12
CA ARG A 17 17.40 14.18 6.59
C ARG A 17 15.93 14.05 7.03
N LEU A 18 15.78 13.53 8.22
CA LEU A 18 14.42 13.35 8.79
C LEU A 18 14.08 14.65 9.54
N MET A 19 12.83 15.02 9.47
CA MET A 19 12.29 16.24 10.11
C MET A 19 11.01 15.82 10.81
N VAL A 20 10.87 16.21 12.04
CA VAL A 20 9.65 15.87 12.80
C VAL A 20 9.13 17.19 13.34
N PHE A 21 7.87 17.35 13.13
CA PHE A 21 7.13 18.55 13.55
C PHE A 21 7.03 18.68 15.07
N ASP A 22 7.21 19.89 15.50
CA ASP A 22 7.16 20.25 16.94
C ASP A 22 5.97 21.20 16.96
N LYS A 23 4.87 20.71 17.44
CA LYS A 23 3.63 21.54 17.51
C LYS A 23 3.70 22.73 18.47
N THR A 24 4.55 22.71 19.46
CA THR A 24 4.59 23.90 20.38
C THR A 24 5.31 25.05 19.70
N GLU A 25 6.03 24.73 18.68
CA GLU A 25 6.77 25.80 17.96
C GLU A 25 6.26 26.05 16.54
N GLY A 26 5.71 25.03 15.94
CA GLY A 26 5.17 25.15 14.56
C GLY A 26 6.40 24.98 13.66
N THR A 27 7.42 24.32 14.14
CA THR A 27 8.69 24.10 13.38
C THR A 27 9.01 22.62 13.30
N TRP A 28 9.92 22.30 12.43
CA TRP A 28 10.35 20.89 12.24
C TRP A 28 11.70 20.86 12.99
N ARG A 29 12.02 19.74 13.53
CA ARG A 29 13.28 19.56 14.26
C ARG A 29 13.95 18.32 13.62
N LEU A 30 15.22 18.25 13.80
CA LEU A 30 16.05 17.14 13.27
C LEU A 30 16.05 16.08 14.37
N LEU A 31 16.48 14.89 14.02
CA LEU A 31 16.54 13.73 14.96
C LEU A 31 18.01 13.50 15.24
N CYS A 32 18.33 13.71 16.49
CA CYS A 32 19.72 13.53 16.90
C CYS A 32 20.11 12.08 16.71
N SER A 33 21.25 11.93 16.11
CA SER A 33 21.83 10.60 15.82
C SER A 33 22.04 9.86 17.18
N SER A 34 21.83 8.55 17.20
CA SER A 34 21.98 7.72 18.41
C SER A 34 22.41 6.32 17.93
N ARG A 35 22.69 5.48 18.88
CA ARG A 35 23.08 4.10 18.55
C ARG A 35 21.87 3.41 17.96
N SER A 36 20.66 3.89 18.16
CA SER A 36 19.48 3.16 17.56
C SER A 36 19.03 3.72 16.17
N ASN A 37 19.91 4.40 15.53
CA ASN A 37 19.62 4.98 14.21
C ASN A 37 18.91 4.04 13.23
N ALA A 38 19.36 2.81 13.15
CA ALA A 38 18.70 1.83 12.20
C ALA A 38 17.24 1.58 12.47
N ARG A 39 16.92 1.44 13.72
CA ARG A 39 15.49 1.21 14.09
C ARG A 39 14.73 2.51 13.96
N VAL A 40 15.35 3.61 14.26
CA VAL A 40 14.60 4.89 14.13
C VAL A 40 14.35 5.16 12.63
N ALA A 41 15.32 4.88 11.80
CA ALA A 41 15.18 5.10 10.33
C ALA A 41 14.03 4.18 9.83
N GLY A 42 14.08 2.93 10.22
CA GLY A 42 13.06 1.92 9.83
C GLY A 42 11.68 2.37 10.29
N LEU A 43 11.55 2.68 11.55
CA LEU A 43 10.27 3.15 12.12
C LEU A 43 9.74 4.42 11.39
N SER A 44 10.60 5.40 11.13
CA SER A 44 10.23 6.68 10.44
C SER A 44 9.68 6.43 9.02
N CYS A 45 10.32 5.57 8.27
CA CYS A 45 9.87 5.23 6.89
C CYS A 45 8.48 4.55 7.01
N GLU A 46 8.36 3.59 7.88
CA GLU A 46 7.05 2.87 8.09
C GLU A 46 5.91 3.88 8.37
N GLU A 47 6.19 4.71 9.33
CA GLU A 47 5.30 5.81 9.83
C GLU A 47 4.74 6.65 8.70
N MET A 48 5.64 6.96 7.82
CA MET A 48 5.27 7.81 6.66
C MET A 48 4.59 7.06 5.55
N GLY A 49 4.51 5.77 5.66
CA GLY A 49 3.84 4.97 4.59
C GLY A 49 4.79 4.37 3.56
N PHE A 50 6.05 4.36 3.89
CA PHE A 50 7.05 3.78 2.94
C PHE A 50 7.19 2.37 3.50
N LEU A 51 7.73 1.44 2.76
CA LEU A 51 7.80 0.07 3.33
C LEU A 51 8.92 -0.11 4.33
N ARG A 52 10.04 0.36 3.91
CA ARG A 52 11.24 0.26 4.74
C ARG A 52 12.27 1.34 4.40
N ALA A 53 13.30 1.34 5.20
CA ALA A 53 14.40 2.30 5.02
C ALA A 53 15.39 1.40 4.29
N LEU A 54 15.90 1.87 3.21
CA LEU A 54 16.89 1.08 2.41
C LEU A 54 18.22 1.33 3.13
N THR A 55 18.46 2.54 3.56
CA THR A 55 19.72 2.83 4.29
C THR A 55 19.51 4.13 5.07
N HIS A 56 20.48 4.50 5.86
CA HIS A 56 20.40 5.76 6.65
C HIS A 56 21.83 6.15 6.87
N SER A 57 22.03 7.40 7.16
CA SER A 57 23.40 7.90 7.40
C SER A 57 23.27 8.99 8.45
N GLU A 58 24.39 9.56 8.80
CA GLU A 58 24.41 10.64 9.81
C GLU A 58 24.92 11.89 9.10
N LEU A 59 24.29 13.01 9.32
CA LEU A 59 24.74 14.27 8.68
C LEU A 59 25.30 15.14 9.85
N ASP A 60 26.00 16.16 9.49
CA ASP A 60 26.62 17.09 10.48
C ASP A 60 26.08 18.48 10.20
N VAL A 61 25.49 19.11 11.17
CA VAL A 61 24.94 20.47 10.92
C VAL A 61 26.04 21.38 10.39
N ARG A 62 27.21 21.25 10.94
CA ARG A 62 28.30 22.11 10.42
C ARG A 62 28.76 21.98 8.97
N THR A 63 28.40 20.89 8.35
CA THR A 63 28.81 20.69 6.96
C THR A 63 27.56 20.67 6.07
N ALA A 64 26.47 20.25 6.64
CA ALA A 64 25.18 20.15 5.88
C ALA A 64 24.20 21.28 6.11
N GLY A 65 24.28 21.91 7.23
CA GLY A 65 23.35 23.05 7.54
C GLY A 65 22.17 22.56 8.37
N ALA A 66 21.25 23.45 8.62
CA ALA A 66 20.02 23.12 9.42
C ALA A 66 18.85 22.86 8.46
N ALA A 67 18.94 23.55 7.36
CA ALA A 67 17.93 23.48 6.26
C ALA A 67 16.52 23.90 6.70
N GLY A 68 16.49 24.79 7.66
CA GLY A 68 15.17 25.30 8.18
C GLY A 68 14.50 24.50 9.27
N THR A 69 15.25 24.02 10.19
CA THR A 69 14.62 23.24 11.27
C THR A 69 15.00 24.08 12.49
N SER A 70 14.42 23.79 13.60
CA SER A 70 14.75 24.57 14.80
C SER A 70 15.05 23.63 15.92
N GLY A 71 16.26 23.16 16.02
CA GLY A 71 16.54 22.23 17.13
C GLY A 71 16.52 20.79 16.71
N PHE A 72 16.63 20.04 17.75
CA PHE A 72 16.65 18.56 17.73
C PHE A 72 15.67 17.95 18.69
N PHE A 73 15.43 16.73 18.36
CA PHE A 73 14.54 15.81 19.09
C PHE A 73 15.50 14.65 19.31
N CYS A 74 15.35 13.98 20.41
CA CYS A 74 16.21 12.83 20.75
C CYS A 74 15.22 11.70 21.06
N VAL A 75 15.66 10.53 20.77
CA VAL A 75 14.83 9.34 20.99
C VAL A 75 15.19 8.61 22.28
N ASP A 76 14.17 8.22 22.98
CA ASP A 76 14.36 7.50 24.24
C ASP A 76 14.56 6.09 23.72
N GLU A 77 15.80 5.74 23.59
CA GLU A 77 16.18 4.38 23.09
C GLU A 77 15.61 3.23 23.94
N GLY A 78 15.36 3.49 25.20
CA GLY A 78 14.82 2.42 26.09
C GLY A 78 13.34 2.16 25.80
N ARG A 79 12.67 3.17 25.35
CA ARG A 79 11.22 3.01 25.06
C ARG A 79 11.02 2.69 23.55
N LEU A 80 12.00 3.09 22.78
CA LEU A 80 12.01 2.87 21.31
C LEU A 80 11.34 1.52 20.88
N PRO A 81 11.79 0.43 21.45
CA PRO A 81 11.34 -0.92 20.99
C PRO A 81 9.91 -1.25 21.48
N HIS A 82 9.21 -0.31 22.05
CA HIS A 82 7.82 -0.57 22.55
C HIS A 82 6.87 0.22 21.71
N THR A 83 7.41 0.94 20.78
CA THR A 83 6.60 1.80 19.89
C THR A 83 6.17 1.31 18.51
N GLN A 84 5.21 2.06 18.05
CA GLN A 84 4.57 1.89 16.72
C GLN A 84 4.71 3.31 16.18
N ARG A 85 4.63 4.31 17.04
CA ARG A 85 4.78 5.70 16.54
C ARG A 85 5.94 6.47 17.18
N LEU A 86 6.70 6.99 16.28
CA LEU A 86 7.91 7.78 16.59
C LEU A 86 7.66 8.92 17.55
N LEU A 87 6.67 9.72 17.25
CA LEU A 87 6.35 10.88 18.12
C LEU A 87 6.17 10.59 19.60
N GLU A 88 5.87 9.37 19.98
CA GLU A 88 5.70 9.20 21.46
C GLU A 88 6.99 8.81 22.21
N VAL A 89 8.13 8.76 21.56
CA VAL A 89 9.37 8.39 22.32
C VAL A 89 10.40 9.44 21.99
N ILE A 90 9.93 10.59 21.59
CA ILE A 90 10.88 11.67 21.25
C ILE A 90 10.73 12.87 22.22
N SER A 91 11.83 13.55 22.44
CA SER A 91 11.87 14.74 23.36
C SER A 91 12.85 15.77 22.81
N VAL A 92 12.70 17.02 23.11
CA VAL A 92 13.65 18.03 22.58
C VAL A 92 14.95 17.77 23.31
N CYS A 93 16.03 18.06 22.67
CA CYS A 93 17.34 17.82 23.33
C CYS A 93 18.30 18.77 22.69
N ASP A 94 19.50 18.75 23.21
CA ASP A 94 20.57 19.65 22.68
C ASP A 94 21.35 19.02 21.58
N CYS A 95 21.50 17.72 21.63
CA CYS A 95 22.27 17.05 20.56
C CYS A 95 23.67 17.71 20.38
N PRO A 96 24.46 17.66 21.44
CA PRO A 96 25.81 18.28 21.47
C PRO A 96 26.66 17.93 20.26
N ARG A 97 26.60 16.69 19.83
CA ARG A 97 27.43 16.32 18.64
C ARG A 97 26.96 16.97 17.33
N GLY A 98 25.84 17.64 17.34
CA GLY A 98 25.32 18.29 16.10
C GLY A 98 25.27 17.34 14.91
N ARG A 99 25.00 16.08 15.18
CA ARG A 99 24.91 15.03 14.09
C ARG A 99 23.49 14.48 14.10
N PHE A 100 22.88 14.47 12.95
CA PHE A 100 21.48 13.96 12.83
C PHE A 100 21.31 12.85 11.78
N LEU A 101 20.18 12.25 11.88
CA LEU A 101 19.84 11.11 10.98
C LEU A 101 19.15 11.49 9.66
N ALA A 102 19.59 10.77 8.65
CA ALA A 102 19.09 10.90 7.27
C ALA A 102 18.63 9.45 6.99
N ALA A 103 17.52 9.33 6.31
CA ALA A 103 16.98 7.97 6.01
C ALA A 103 16.53 7.92 4.57
N ILE A 104 16.94 6.89 3.88
CA ILE A 104 16.60 6.65 2.45
C ILE A 104 15.52 5.55 2.58
N CYS A 105 14.30 5.93 2.35
CA CYS A 105 13.15 4.99 2.44
C CYS A 105 12.91 4.47 1.02
N GLN A 106 12.23 3.36 0.90
CA GLN A 106 11.97 2.82 -0.46
C GLN A 106 10.97 3.79 -1.11
N ASP A 107 11.29 4.30 -2.27
CA ASP A 107 10.40 5.27 -3.00
C ASP A 107 9.14 4.51 -3.46
N CYS A 108 8.06 5.22 -3.54
CA CYS A 108 6.80 4.61 -3.95
C CYS A 108 5.78 5.66 -4.35
N GLY A 109 4.72 5.16 -4.95
CA GLY A 109 3.57 5.96 -5.40
C GLY A 109 3.75 7.01 -6.41
N ARG A 110 4.80 6.93 -7.19
CA ARG A 110 5.04 7.95 -8.24
C ARG A 110 5.33 7.32 -9.61
N ARG A 111 4.82 7.93 -10.64
CA ARG A 111 5.02 7.40 -12.02
C ARG A 111 6.37 7.99 -12.41
N LYS A 112 7.06 7.30 -13.26
CA LYS A 112 8.39 7.70 -13.74
C LYS A 112 8.46 8.01 -15.22
N LEU A 113 7.35 8.29 -15.83
CA LEU A 113 7.35 8.60 -17.31
C LEU A 113 7.61 10.08 -17.48
N PRO A 114 8.09 10.47 -18.64
CA PRO A 114 8.25 11.90 -19.00
C PRO A 114 6.98 12.73 -18.76
N ILE B 1 -13.48 -4.61 -14.48
CA ILE B 1 -13.93 -3.24 -14.14
C ILE B 1 -15.04 -2.91 -15.16
N VAL B 2 -16.15 -2.51 -14.62
CA VAL B 2 -17.34 -2.14 -15.42
C VAL B 2 -17.37 -0.62 -15.46
N GLY B 3 -17.59 -0.08 -16.62
CA GLY B 3 -17.66 1.39 -16.80
C GLY B 3 -16.33 2.12 -16.70
N GLY B 4 -15.25 1.46 -16.98
CA GLY B 4 -13.90 2.09 -16.92
C GLY B 4 -13.43 2.32 -18.36
N ARG B 5 -12.18 2.62 -18.49
CA ARG B 5 -11.55 2.88 -19.82
C ARG B 5 -10.20 2.19 -19.87
N ASP B 6 -9.70 2.02 -21.07
CA ASP B 6 -8.40 1.37 -21.24
C ASP B 6 -7.36 2.33 -20.68
N THR B 7 -6.32 1.84 -20.08
CA THR B 7 -5.29 2.77 -19.54
C THR B 7 -3.97 2.44 -20.35
N SER B 8 -2.91 3.20 -20.13
CA SER B 8 -1.63 2.95 -20.85
C SER B 8 -0.53 2.57 -19.89
N LEU B 9 0.53 2.15 -20.53
CA LEU B 9 1.78 1.72 -19.84
C LEU B 9 2.34 2.83 -18.94
N GLY B 10 2.77 2.43 -17.77
CA GLY B 10 3.37 3.38 -16.77
C GLY B 10 2.45 4.19 -15.92
N ARG B 11 1.19 4.12 -16.19
CA ARG B 11 0.22 4.90 -15.39
C ARG B 11 -0.05 4.31 -14.01
N TRP B 12 -0.18 3.03 -13.93
CA TRP B 12 -0.44 2.33 -12.63
C TRP B 12 0.64 1.23 -12.54
N PRO B 13 1.88 1.62 -12.35
CA PRO B 13 3.06 0.66 -12.45
C PRO B 13 3.12 -0.41 -11.33
N TRP B 14 2.29 -0.24 -10.34
CA TRP B 14 2.23 -1.20 -9.19
C TRP B 14 1.26 -2.39 -9.45
N GLN B 15 0.44 -2.24 -10.44
CA GLN B 15 -0.55 -3.31 -10.80
C GLN B 15 0.08 -4.58 -11.38
N VAL B 16 -0.28 -5.69 -10.84
CA VAL B 16 0.24 -6.98 -11.35
C VAL B 16 -1.01 -7.88 -11.53
N SER B 17 -0.80 -8.95 -12.27
CA SER B 17 -1.84 -9.97 -12.55
C SER B 17 -1.28 -11.27 -11.91
N LEU B 18 -2.12 -11.93 -11.17
CA LEU B 18 -1.76 -13.22 -10.49
C LEU B 18 -2.53 -14.28 -11.36
N ARG B 19 -1.74 -15.14 -11.95
CA ARG B 19 -2.29 -16.24 -12.82
C ARG B 19 -2.04 -17.62 -12.23
N TYR B 20 -3.00 -18.51 -12.34
CA TYR B 20 -2.84 -19.89 -11.79
C TYR B 20 -3.01 -20.79 -13.01
N ASP B 21 -2.10 -21.69 -13.21
CA ASP B 21 -2.19 -22.62 -14.40
C ASP B 21 -2.60 -21.92 -15.70
N GLY B 22 -2.02 -20.78 -15.93
CA GLY B 22 -2.34 -20.04 -17.16
C GLY B 22 -3.46 -19.06 -17.13
N ALA B 23 -4.33 -19.06 -16.17
CA ALA B 23 -5.43 -18.04 -16.24
C ALA B 23 -5.30 -16.93 -15.21
N HIS B 24 -5.75 -15.77 -15.59
CA HIS B 24 -5.70 -14.57 -14.71
C HIS B 24 -6.84 -14.77 -13.74
N LEU B 25 -6.49 -14.79 -12.50
CA LEU B 25 -7.52 -14.97 -11.43
C LEU B 25 -7.66 -13.73 -10.56
N CYS B 26 -6.57 -13.13 -10.21
CA CYS B 26 -6.62 -11.92 -9.34
C CYS B 26 -5.65 -10.84 -9.70
N GLY B 27 -5.90 -9.71 -9.14
CA GLY B 27 -5.04 -8.54 -9.36
C GLY B 27 -4.19 -8.50 -8.05
N GLY B 28 -3.23 -7.63 -8.02
CA GLY B 28 -2.36 -7.49 -6.82
C GLY B 28 -1.64 -6.15 -7.00
N SER B 29 -1.03 -5.68 -5.92
CA SER B 29 -0.26 -4.40 -5.93
C SER B 29 1.15 -4.65 -5.37
N LEU B 30 2.13 -4.13 -6.05
CA LEU B 30 3.53 -4.30 -5.60
C LEU B 30 3.79 -3.33 -4.44
N LEU B 31 4.38 -3.88 -3.42
CA LEU B 31 4.74 -3.09 -2.21
C LEU B 31 6.27 -2.88 -2.35
N SER B 32 6.93 -3.76 -3.05
CA SER B 32 8.41 -3.68 -3.29
C SER B 32 8.68 -4.54 -4.53
N GLY B 33 9.91 -4.72 -4.90
CA GLY B 33 10.24 -5.54 -6.09
C GLY B 33 9.89 -7.02 -5.81
N ASP B 34 9.77 -7.42 -4.57
CA ASP B 34 9.45 -8.85 -4.31
C ASP B 34 8.24 -9.14 -3.41
N TRP B 35 7.45 -8.15 -3.08
CA TRP B 35 6.26 -8.41 -2.23
C TRP B 35 5.04 -7.78 -2.92
N VAL B 36 3.98 -8.55 -2.96
CA VAL B 36 2.70 -8.12 -3.58
C VAL B 36 1.63 -8.27 -2.51
N LEU B 37 0.77 -7.30 -2.47
CA LEU B 37 -0.33 -7.30 -1.50
C LEU B 37 -1.60 -7.64 -2.39
N THR B 38 -2.36 -8.60 -1.94
CA THR B 38 -3.57 -9.00 -2.68
C THR B 38 -4.63 -9.45 -1.63
N ALA B 39 -5.64 -10.17 -2.09
CA ALA B 39 -6.73 -10.66 -1.20
C ALA B 39 -6.52 -12.12 -0.87
N ALA B 40 -6.79 -12.45 0.36
CA ALA B 40 -6.65 -13.85 0.81
C ALA B 40 -7.55 -14.81 0.03
N HIS B 41 -8.72 -14.37 -0.34
CA HIS B 41 -9.63 -15.27 -1.07
C HIS B 41 -9.13 -15.68 -2.43
N CYS B 42 -8.00 -15.19 -2.82
CA CYS B 42 -7.50 -15.59 -4.15
C CYS B 42 -6.78 -16.92 -3.99
N PHE B 43 -6.63 -17.42 -2.79
CA PHE B 43 -5.94 -18.72 -2.57
C PHE B 43 -6.83 -19.78 -1.87
N PRO B 44 -7.89 -20.20 -2.51
CA PRO B 44 -8.75 -21.28 -1.99
C PRO B 44 -7.97 -22.58 -2.12
N GLU B 45 -8.43 -23.58 -1.44
CA GLU B 45 -7.75 -24.92 -1.47
C GLU B 45 -7.34 -25.41 -2.82
N ARG B 46 -8.19 -25.24 -3.78
CA ARG B 46 -7.87 -25.70 -5.15
C ARG B 46 -6.76 -24.89 -5.83
N ASN B 47 -6.30 -23.83 -5.23
CA ASN B 47 -5.24 -23.01 -5.89
C ASN B 47 -4.10 -22.78 -4.95
N ARG B 48 -3.63 -23.81 -4.32
CA ARG B 48 -2.50 -23.60 -3.36
C ARG B 48 -1.16 -24.27 -3.71
N VAL B 49 -0.89 -24.55 -4.97
CA VAL B 49 0.41 -25.17 -5.31
C VAL B 49 1.09 -23.95 -5.85
N LEU B 50 1.99 -23.46 -5.05
CA LEU B 50 2.73 -22.26 -5.42
C LEU B 50 3.39 -22.34 -6.77
N SER B 51 3.92 -23.48 -7.10
CA SER B 51 4.58 -23.61 -8.43
C SER B 51 3.64 -23.34 -9.59
N ARG B 52 2.36 -23.38 -9.32
CA ARG B 52 1.39 -23.14 -10.43
C ARG B 52 0.96 -21.68 -10.53
N TRP B 53 1.49 -20.83 -9.71
CA TRP B 53 1.10 -19.40 -9.79
C TRP B 53 2.27 -18.60 -10.44
N ARG B 54 1.94 -17.54 -11.13
CA ARG B 54 2.92 -16.64 -11.78
C ARG B 54 2.40 -15.23 -11.54
N VAL B 55 3.28 -14.28 -11.42
CA VAL B 55 2.92 -12.87 -11.19
C VAL B 55 3.42 -12.24 -12.50
N PHE B 56 2.54 -11.53 -13.14
CA PHE B 56 2.80 -10.83 -14.44
C PHE B 56 2.78 -9.36 -14.15
N ALA B 57 3.85 -8.74 -14.54
CA ALA B 57 4.04 -7.27 -14.33
C ALA B 57 4.66 -6.52 -15.48
N GLY B 58 4.49 -5.24 -15.43
CA GLY B 58 5.07 -4.35 -16.46
C GLY B 58 4.40 -4.19 -17.78
N ALA B 59 3.17 -4.62 -17.91
CA ALA B 59 2.44 -4.47 -19.23
C ALA B 59 0.95 -4.25 -18.91
N VAL B 60 0.21 -3.65 -19.79
CA VAL B 60 -1.24 -3.41 -19.54
C VAL B 60 -2.05 -4.44 -20.40
N ALA B 61 -1.42 -5.05 -21.37
CA ALA B 61 -2.14 -6.06 -22.23
C ALA B 61 -1.78 -7.44 -21.67
N GLN B 62 -2.77 -8.22 -21.35
CA GLN B 62 -2.50 -9.57 -20.79
C GLN B 62 -1.63 -10.42 -21.70
N ALA B 63 -1.75 -10.19 -22.98
CA ALA B 63 -0.92 -10.99 -23.94
C ALA B 63 0.30 -10.22 -24.46
N SER B 64 0.91 -9.45 -23.59
CA SER B 64 2.10 -8.67 -24.02
C SER B 64 3.25 -9.67 -23.78
N PRO B 65 4.10 -9.80 -24.76
CA PRO B 65 5.35 -10.59 -24.63
C PRO B 65 6.40 -9.81 -23.81
N HIS B 66 6.12 -8.55 -23.64
CA HIS B 66 7.05 -7.65 -22.88
C HIS B 66 6.79 -7.51 -21.37
N GLY B 67 5.96 -8.32 -20.81
CA GLY B 67 5.73 -8.16 -19.34
C GLY B 67 6.70 -9.17 -18.76
N LEU B 68 6.88 -9.14 -17.47
CA LEU B 68 7.79 -10.08 -16.82
C LEU B 68 6.87 -10.96 -16.02
N GLN B 69 7.26 -12.19 -15.89
CA GLN B 69 6.50 -13.22 -15.16
C GLN B 69 7.43 -13.92 -14.18
N LEU B 70 7.16 -13.81 -12.92
CA LEU B 70 8.02 -14.48 -11.89
C LEU B 70 7.18 -15.43 -11.07
N GLY B 71 7.85 -16.31 -10.39
CA GLY B 71 7.21 -17.33 -9.54
C GLY B 71 6.96 -16.74 -8.16
N VAL B 72 6.35 -17.58 -7.39
CA VAL B 72 5.95 -17.31 -6.00
C VAL B 72 6.71 -18.24 -5.05
N GLN B 73 7.23 -17.63 -4.04
CA GLN B 73 8.01 -18.34 -3.01
C GLN B 73 7.09 -18.63 -1.85
N ALA B 74 6.27 -17.68 -1.47
CA ALA B 74 5.36 -17.92 -0.34
C ALA B 74 4.19 -17.00 -0.39
N VAL B 75 3.17 -17.39 0.31
CA VAL B 75 1.92 -16.59 0.40
C VAL B 75 1.66 -16.63 1.90
N VAL B 76 1.39 -15.49 2.45
CA VAL B 76 1.09 -15.34 3.91
C VAL B 76 -0.33 -14.79 3.89
N TYR B 77 -1.29 -15.49 4.43
CA TYR B 77 -2.65 -14.90 4.40
C TYR B 77 -3.03 -14.66 5.83
N HIS B 78 -4.02 -13.84 5.95
CA HIS B 78 -4.50 -13.48 7.31
C HIS B 78 -5.24 -14.62 8.01
N GLY B 79 -4.73 -15.02 9.13
CA GLY B 79 -5.38 -16.13 9.88
C GLY B 79 -6.82 -15.72 10.25
N GLY B 80 -7.10 -14.45 10.43
CA GLY B 80 -8.50 -14.05 10.81
C GLY B 80 -9.46 -14.12 9.61
N TYR B 81 -9.03 -14.69 8.49
CA TYR B 81 -9.93 -14.78 7.29
C TYR B 81 -10.70 -16.08 7.49
N LEU B 82 -11.64 -15.97 8.38
CA LEU B 82 -12.54 -17.10 8.77
C LEU B 82 -13.00 -18.04 7.64
N PRO B 83 -13.26 -17.55 6.44
CA PRO B 83 -13.55 -18.48 5.33
C PRO B 83 -12.43 -19.53 5.06
N PHE B 84 -11.30 -19.42 5.72
CA PHE B 84 -10.14 -20.36 5.54
C PHE B 84 -9.69 -21.00 6.87
N ASN B 92 -16.05 -12.44 5.76
CA ASN B 92 -15.17 -11.81 4.71
C ASN B 92 -14.14 -10.82 5.23
N SER B 93 -14.09 -10.58 6.51
CA SER B 93 -13.10 -9.62 7.03
C SER B 93 -11.74 -10.32 6.96
N ASN B 94 -10.75 -9.47 6.95
CA ASN B 94 -9.33 -9.86 6.89
C ASN B 94 -9.02 -10.53 5.54
N ASP B 95 -9.66 -10.03 4.52
CA ASP B 95 -9.43 -10.60 3.17
C ASP B 95 -8.20 -9.86 2.63
N ILE B 96 -7.09 -10.36 3.10
CA ILE B 96 -5.77 -9.79 2.70
C ILE B 96 -4.67 -10.88 2.76
N ALA B 97 -3.71 -10.78 1.87
CA ALA B 97 -2.57 -11.76 1.83
C ALA B 97 -1.37 -11.05 1.17
N LEU B 98 -0.22 -11.58 1.45
CA LEU B 98 1.05 -11.05 0.91
C LEU B 98 1.65 -12.19 0.10
N VAL B 99 2.22 -11.83 -1.00
CA VAL B 99 2.84 -12.82 -1.89
C VAL B 99 4.31 -12.42 -2.03
N HIS B 100 5.17 -13.37 -1.76
CA HIS B 100 6.63 -13.15 -1.85
C HIS B 100 7.07 -13.80 -3.16
N LEU B 101 7.61 -13.02 -4.03
CA LEU B 101 8.07 -13.54 -5.34
C LEU B 101 9.38 -14.31 -5.13
N SER B 102 9.66 -15.24 -6.00
CA SER B 102 10.91 -16.04 -5.86
C SER B 102 12.14 -15.16 -6.10
N SER B 103 12.00 -14.13 -6.87
CA SER B 103 13.14 -13.22 -7.13
C SER B 103 12.47 -11.87 -7.32
N PRO B 104 13.14 -10.78 -7.07
CA PRO B 104 12.49 -9.47 -7.21
C PRO B 104 12.45 -8.97 -8.65
N LEU B 105 11.45 -8.17 -8.87
CA LEU B 105 11.23 -7.57 -10.18
C LEU B 105 12.17 -6.36 -10.15
N PRO B 106 12.69 -5.99 -11.30
CA PRO B 106 13.42 -4.71 -11.46
C PRO B 106 12.42 -3.57 -11.37
N LEU B 107 12.81 -2.43 -10.89
CA LEU B 107 11.85 -1.33 -10.81
C LEU B 107 12.22 -0.48 -11.98
N THR B 108 11.27 -0.22 -12.82
CA THR B 108 11.51 0.59 -14.03
C THR B 108 10.38 1.60 -14.13
N GLU B 109 10.34 2.27 -15.23
CA GLU B 109 9.25 3.26 -15.39
C GLU B 109 7.89 2.52 -15.54
N TYR B 110 7.92 1.21 -15.65
CA TYR B 110 6.65 0.44 -15.79
C TYR B 110 6.37 -0.46 -14.63
N ILE B 111 7.30 -0.59 -13.72
CA ILE B 111 7.15 -1.45 -12.53
C ILE B 111 7.62 -0.58 -11.34
N GLN B 112 6.70 -0.15 -10.51
CA GLN B 112 7.05 0.70 -9.32
C GLN B 112 6.16 0.23 -8.17
N PRO B 113 6.59 0.24 -6.94
CA PRO B 113 5.66 -0.01 -5.83
C PRO B 113 4.75 1.19 -5.50
N VAL B 114 3.70 0.87 -4.82
CA VAL B 114 2.73 1.89 -4.41
C VAL B 114 3.00 2.03 -2.91
N CYS B 115 2.57 3.16 -2.39
CA CYS B 115 2.78 3.44 -0.93
C CYS B 115 1.62 2.96 -0.07
N LEU B 116 1.87 2.95 1.22
CA LEU B 116 0.82 2.51 2.18
C LEU B 116 0.35 3.84 2.76
N PRO B 117 -0.84 3.84 3.33
CA PRO B 117 -1.31 4.97 4.15
C PRO B 117 -0.31 5.23 5.30
N ALA B 118 -0.15 6.47 5.64
CA ALA B 118 0.80 6.79 6.75
C ALA B 118 0.05 6.47 8.06
N ALA B 119 0.78 6.34 9.15
CA ALA B 119 0.16 6.03 10.48
C ALA B 119 -0.85 7.12 10.79
N GLY B 120 -2.00 6.69 11.21
CA GLY B 120 -3.04 7.68 11.55
C GLY B 120 -3.74 8.24 10.30
N GLN B 121 -3.26 7.94 9.12
CA GLN B 121 -3.94 8.48 7.91
C GLN B 121 -5.29 7.79 7.75
N ALA B 122 -6.35 8.55 7.76
CA ALA B 122 -7.71 7.93 7.62
C ALA B 122 -8.33 8.15 6.22
N LEU B 123 -9.30 7.32 5.91
CA LEU B 123 -9.99 7.42 4.60
C LEU B 123 -10.88 8.66 4.63
N VAL B 124 -10.93 9.32 3.54
CA VAL B 124 -11.74 10.54 3.41
C VAL B 124 -13.05 10.13 2.72
N ASP B 125 -14.15 10.12 3.43
CA ASP B 125 -15.43 9.73 2.76
C ASP B 125 -15.71 10.70 1.62
N GLY B 126 -16.19 10.21 0.51
CA GLY B 126 -16.48 11.16 -0.60
C GLY B 126 -15.29 11.34 -1.51
N LYS B 127 -14.09 11.03 -1.04
CA LYS B 127 -12.94 11.23 -1.94
C LYS B 127 -13.05 10.22 -3.10
N ILE B 128 -12.64 10.69 -4.24
CA ILE B 128 -12.66 9.91 -5.48
C ILE B 128 -11.24 9.33 -5.72
N CYS B 129 -11.19 8.03 -5.73
CA CYS B 129 -9.93 7.29 -5.94
C CYS B 129 -10.10 6.47 -7.22
N THR B 130 -9.08 5.75 -7.55
CA THR B 130 -9.06 4.90 -8.78
C THR B 130 -8.92 3.43 -8.45
N VAL B 131 -9.60 2.61 -9.21
CA VAL B 131 -9.53 1.19 -9.03
C VAL B 131 -9.14 0.70 -10.49
N THR B 132 -8.27 -0.28 -10.52
CA THR B 132 -7.81 -0.83 -11.81
C THR B 132 -7.81 -2.38 -11.79
N GLY B 133 -7.81 -2.95 -12.97
CA GLY B 133 -7.80 -4.41 -13.10
C GLY B 133 -8.18 -4.88 -14.50
N TRP B 134 -8.03 -6.15 -14.66
CA TRP B 134 -8.33 -6.91 -15.95
C TRP B 134 -9.58 -7.79 -15.80
N GLY B 135 -10.37 -7.52 -14.81
CA GLY B 135 -11.61 -8.32 -14.56
C GLY B 135 -12.66 -8.01 -15.64
N ASN B 136 -13.73 -8.74 -15.50
CA ASN B 136 -14.86 -8.59 -16.45
C ASN B 136 -15.33 -7.17 -16.59
N THR B 137 -15.70 -6.80 -17.78
CA THR B 137 -16.18 -5.42 -18.02
C THR B 137 -17.74 -5.33 -17.93
N GLN B 138 -18.30 -6.48 -17.68
CA GLN B 138 -19.75 -6.75 -17.51
C GLN B 138 -19.76 -8.04 -16.69
N TYR B 139 -20.68 -8.17 -15.79
CA TYR B 139 -20.77 -9.39 -14.98
C TYR B 139 -20.82 -10.65 -15.90
N TYR B 140 -21.66 -10.60 -16.91
CA TYR B 140 -21.79 -11.77 -17.85
C TYR B 140 -21.01 -11.32 -19.09
N GLY B 141 -19.80 -10.89 -18.87
CA GLY B 141 -18.89 -10.40 -19.95
C GLY B 141 -17.57 -11.12 -19.83
N GLN B 142 -16.58 -10.68 -20.53
CA GLN B 142 -15.26 -11.37 -20.43
C GLN B 142 -14.28 -10.42 -19.78
N GLN B 143 -13.19 -10.99 -19.38
CA GLN B 143 -12.11 -10.20 -18.74
C GLN B 143 -11.62 -9.19 -19.77
N ALA B 144 -10.97 -8.16 -19.29
CA ALA B 144 -10.45 -7.11 -20.19
C ALA B 144 -9.08 -7.56 -20.75
N GLY B 145 -8.87 -7.19 -21.98
CA GLY B 145 -7.61 -7.53 -22.69
C GLY B 145 -6.51 -6.54 -22.28
N VAL B 146 -6.96 -5.34 -22.04
CA VAL B 146 -6.06 -4.24 -21.63
C VAL B 146 -6.57 -3.81 -20.26
N LEU B 147 -5.63 -3.49 -19.43
CA LEU B 147 -5.90 -3.04 -18.05
C LEU B 147 -6.89 -1.87 -18.14
N GLN B 148 -7.85 -1.89 -17.26
CA GLN B 148 -8.90 -0.83 -17.21
C GLN B 148 -8.78 -0.01 -15.89
N GLU B 149 -9.22 1.22 -15.96
CA GLU B 149 -9.19 2.10 -14.78
C GLU B 149 -10.56 2.81 -14.66
N ALA B 150 -10.99 3.02 -13.45
CA ALA B 150 -12.29 3.72 -13.17
C ALA B 150 -12.07 4.53 -11.87
N ARG B 151 -12.79 5.60 -11.74
CA ARG B 151 -12.72 6.50 -10.56
C ARG B 151 -14.04 6.33 -9.84
N VAL B 152 -13.97 6.11 -8.57
CA VAL B 152 -15.17 5.93 -7.74
C VAL B 152 -14.93 6.62 -6.39
N PRO B 153 -15.95 7.21 -5.81
CA PRO B 153 -15.88 7.73 -4.44
C PRO B 153 -16.12 6.70 -3.30
N ILE B 154 -15.52 7.08 -2.20
CA ILE B 154 -15.60 6.29 -0.96
C ILE B 154 -17.02 6.63 -0.44
N ILE B 155 -17.67 5.63 0.07
CA ILE B 155 -19.05 5.76 0.63
C ILE B 155 -18.92 5.52 2.16
N SER B 156 -19.74 6.16 2.94
CA SER B 156 -19.63 5.95 4.42
C SER B 156 -20.27 4.63 4.77
N ASN B 157 -19.75 4.06 5.82
CA ASN B 157 -20.27 2.76 6.31
C ASN B 157 -21.71 2.94 6.77
N ASP B 158 -22.05 4.13 7.21
CA ASP B 158 -23.46 4.34 7.66
C ASP B 158 -24.39 4.11 6.46
N VAL B 159 -23.98 4.65 5.34
CA VAL B 159 -24.78 4.48 4.12
C VAL B 159 -24.67 3.02 3.67
N CYS B 160 -23.47 2.56 3.47
CA CYS B 160 -23.33 1.14 3.01
C CYS B 160 -23.97 0.05 3.85
N ASN B 161 -24.03 0.23 5.14
CA ASN B 161 -24.66 -0.84 5.98
C ASN B 161 -26.17 -0.67 6.09
N GLY B 162 -26.71 0.30 5.41
CA GLY B 162 -28.19 0.48 5.50
C GLY B 162 -28.89 -0.67 4.76
N ALA B 163 -30.06 -0.94 5.23
CA ALA B 163 -30.93 -2.01 4.68
C ALA B 163 -31.05 -1.94 3.16
N ASP B 164 -30.88 -0.80 2.57
CA ASP B 164 -31.00 -0.76 1.08
C ASP B 164 -29.70 -1.00 0.33
N PHE B 165 -28.63 -1.07 1.06
CA PHE B 165 -27.30 -1.31 0.43
C PHE B 165 -26.91 -2.69 0.89
N TYR B 166 -26.00 -2.84 1.82
CA TYR B 166 -25.60 -4.21 2.27
C TYR B 166 -26.06 -4.56 3.66
N GLY B 167 -27.12 -3.95 4.09
CA GLY B 167 -27.69 -4.21 5.44
C GLY B 167 -26.85 -4.93 6.50
N ASN B 168 -25.98 -4.16 7.06
CA ASN B 168 -25.02 -4.60 8.14
C ASN B 168 -23.98 -5.65 7.81
N GLN B 169 -23.64 -5.77 6.57
CA GLN B 169 -22.61 -6.80 6.20
C GLN B 169 -21.20 -6.13 6.08
N ILE B 170 -21.16 -4.84 6.20
CA ILE B 170 -19.85 -4.13 6.09
C ILE B 170 -19.29 -4.01 7.50
N LYS B 171 -18.24 -4.75 7.69
CA LYS B 171 -17.57 -4.77 9.00
C LYS B 171 -16.57 -3.61 9.00
N PRO B 172 -16.05 -3.31 10.17
CA PRO B 172 -15.21 -2.10 10.38
C PRO B 172 -13.89 -2.08 9.58
N LYS B 173 -13.36 -3.24 9.24
CA LYS B 173 -12.09 -3.18 8.46
C LYS B 173 -12.31 -3.30 6.93
N MET B 174 -13.43 -2.82 6.49
CA MET B 174 -13.73 -2.86 5.04
C MET B 174 -14.53 -1.60 4.78
N PHE B 175 -14.58 -1.19 3.55
CA PHE B 175 -15.35 0.02 3.18
C PHE B 175 -15.92 -0.20 1.79
N CYS B 176 -16.81 0.66 1.42
CA CYS B 176 -17.48 0.60 0.09
C CYS B 176 -17.11 1.79 -0.73
N ALA B 177 -17.11 1.60 -2.01
CA ALA B 177 -16.78 2.70 -2.91
C ALA B 177 -17.61 2.41 -4.12
N GLY B 178 -18.17 3.44 -4.67
CA GLY B 178 -19.04 3.28 -5.89
C GLY B 178 -20.06 4.41 -5.93
N TYR B 179 -20.99 4.32 -6.83
CA TYR B 179 -22.04 5.34 -7.00
C TYR B 179 -23.36 4.69 -6.58
N PRO B 180 -24.24 5.34 -5.84
CA PRO B 180 -25.58 4.78 -5.50
C PRO B 180 -26.30 4.27 -6.75
N GLU B 181 -26.06 5.00 -7.78
CA GLU B 181 -26.65 4.71 -9.11
C GLU B 181 -26.05 3.47 -9.79
N GLY B 182 -24.89 3.06 -9.37
CA GLY B 182 -24.28 1.85 -10.01
C GLY B 182 -23.59 2.33 -11.31
N GLY B 183 -23.30 1.44 -12.24
CA GLY B 183 -22.65 1.88 -13.51
C GLY B 183 -21.13 1.73 -13.60
N ILE B 184 -20.44 2.06 -12.52
CA ILE B 184 -18.94 1.95 -12.48
C ILE B 184 -18.62 1.11 -11.25
N ASP B 185 -17.84 0.10 -11.44
CA ASP B 185 -17.47 -0.79 -10.30
C ASP B 185 -16.43 -1.78 -10.72
N ALA B 186 -15.95 -2.45 -9.74
CA ALA B 186 -14.93 -3.49 -9.95
C ALA B 186 -15.80 -4.75 -10.24
N CYS B 187 -15.19 -5.83 -10.63
CA CYS B 187 -15.97 -7.04 -10.94
C CYS B 187 -15.06 -8.25 -10.82
N GLN B 188 -15.63 -9.38 -11.13
CA GLN B 188 -14.92 -10.68 -11.09
C GLN B 188 -13.60 -10.58 -11.92
N GLY B 189 -12.54 -10.98 -11.31
CA GLY B 189 -11.22 -10.94 -11.97
C GLY B 189 -10.45 -9.71 -11.43
N ASP B 190 -11.11 -8.85 -10.71
CA ASP B 190 -10.42 -7.64 -10.18
C ASP B 190 -10.05 -7.86 -8.72
N SER B 191 -10.56 -8.88 -8.13
CA SER B 191 -10.26 -9.20 -6.70
C SER B 191 -8.73 -9.18 -6.40
N GLY B 192 -8.33 -8.59 -5.29
CA GLY B 192 -6.90 -8.54 -4.94
C GLY B 192 -6.22 -7.28 -5.41
N GLY B 193 -6.77 -6.63 -6.38
CA GLY B 193 -6.11 -5.42 -6.87
C GLY B 193 -6.31 -4.13 -6.11
N PRO B 194 -5.72 -3.10 -6.65
CA PRO B 194 -5.68 -1.78 -6.01
C PRO B 194 -6.82 -0.80 -6.12
N PHE B 195 -6.98 -0.10 -5.03
CA PHE B 195 -7.99 0.98 -4.85
C PHE B 195 -6.95 2.02 -4.30
N VAL B 196 -6.55 2.94 -5.11
CA VAL B 196 -5.55 3.95 -4.72
C VAL B 196 -6.06 5.38 -4.74
N CYS B 197 -5.58 6.11 -3.75
CA CYS B 197 -5.94 7.57 -3.60
C CYS B 197 -4.61 8.33 -3.57
N GLU B 198 -4.61 9.48 -4.18
CA GLU B 198 -3.39 10.36 -4.27
C GLU B 198 -3.48 11.51 -3.25
N ASP B 199 -2.36 11.78 -2.62
CA ASP B 199 -2.31 12.88 -1.62
C ASP B 199 -0.91 13.51 -1.69
N SER B 200 -0.78 14.66 -1.08
CA SER B 200 0.53 15.40 -1.05
C SER B 200 1.00 15.66 0.42
N ILE B 201 0.65 14.79 1.35
CA ILE B 201 1.04 14.99 2.78
C ILE B 201 2.54 14.79 2.98
N SER B 202 3.20 14.17 2.04
CA SER B 202 4.68 13.99 2.20
C SER B 202 5.33 15.11 1.34
N ARG B 203 4.53 16.11 1.05
CA ARG B 203 4.91 17.30 0.24
C ARG B 203 5.08 16.94 -1.23
N THR B 204 4.84 15.73 -1.63
CA THR B 204 4.99 15.34 -3.07
C THR B 204 3.70 14.53 -3.29
N PRO B 205 3.02 14.68 -4.39
CA PRO B 205 1.89 13.78 -4.70
C PRO B 205 2.33 12.34 -4.84
N ARG B 206 1.71 11.48 -4.10
CA ARG B 206 2.01 10.03 -4.13
C ARG B 206 0.66 9.29 -4.09
N TRP B 207 0.65 8.14 -4.71
CA TRP B 207 -0.56 7.28 -4.75
C TRP B 207 -0.33 6.28 -3.64
N ARG B 208 -1.37 6.06 -2.88
CA ARG B 208 -1.29 5.09 -1.76
C ARG B 208 -2.41 4.06 -1.93
N LEU B 209 -2.14 2.89 -1.47
CA LEU B 209 -3.08 1.74 -1.51
C LEU B 209 -3.97 1.84 -0.29
N CYS B 210 -5.16 2.35 -0.50
CA CYS B 210 -6.17 2.52 0.59
C CYS B 210 -7.10 1.32 0.72
N GLY B 211 -7.29 0.63 -0.39
CA GLY B 211 -8.15 -0.55 -0.35
C GLY B 211 -7.66 -1.65 -1.30
N ILE B 212 -8.18 -2.82 -1.07
CA ILE B 212 -7.87 -4.03 -1.87
C ILE B 212 -9.27 -4.48 -2.33
N VAL B 213 -9.43 -4.66 -3.63
CA VAL B 213 -10.73 -5.11 -4.21
C VAL B 213 -11.05 -6.44 -3.52
N SER B 214 -12.17 -6.50 -2.82
CA SER B 214 -12.56 -7.75 -2.11
C SER B 214 -13.89 -8.44 -2.62
N TRP B 215 -15.01 -7.77 -2.63
CA TRP B 215 -16.24 -8.42 -3.09
C TRP B 215 -17.36 -7.41 -3.41
N GLY B 216 -18.48 -7.95 -3.79
CA GLY B 216 -19.66 -7.11 -4.13
C GLY B 216 -20.78 -8.03 -4.65
N THR B 217 -21.99 -7.56 -4.69
CA THR B 217 -23.12 -8.40 -5.19
C THR B 217 -23.25 -7.98 -6.63
N GLY B 218 -23.02 -8.92 -7.52
CA GLY B 218 -23.10 -8.66 -8.98
C GLY B 218 -22.01 -7.62 -9.21
N CYS B 219 -22.17 -6.83 -10.23
CA CYS B 219 -21.17 -5.77 -10.52
C CYS B 219 -21.93 -4.61 -11.11
N ALA B 220 -21.62 -3.44 -10.62
CA ALA B 220 -22.18 -2.11 -11.01
C ALA B 220 -23.71 -1.94 -10.83
N LEU B 221 -24.31 -2.69 -9.96
CA LEU B 221 -25.79 -2.55 -9.73
C LEU B 221 -25.96 -1.33 -8.81
N ALA B 222 -27.10 -0.72 -8.88
CA ALA B 222 -27.33 0.45 -8.03
C ALA B 222 -27.49 -0.13 -6.64
N GLN B 223 -27.04 0.62 -5.69
CA GLN B 223 -27.09 0.25 -4.23
C GLN B 223 -26.33 -1.01 -3.79
N LYS B 224 -25.44 -1.49 -4.62
CA LYS B 224 -24.61 -2.70 -4.29
C LYS B 224 -23.17 -2.32 -4.78
N PRO B 225 -22.58 -1.38 -4.08
CA PRO B 225 -21.22 -0.86 -4.40
C PRO B 225 -20.14 -1.90 -4.14
N GLY B 226 -18.95 -1.68 -4.62
CA GLY B 226 -17.92 -2.72 -4.34
C GLY B 226 -17.41 -2.49 -2.90
N VAL B 227 -16.97 -3.57 -2.30
CA VAL B 227 -16.44 -3.57 -0.92
C VAL B 227 -14.94 -3.87 -1.03
N TYR B 228 -14.22 -3.15 -0.22
CA TYR B 228 -12.76 -3.24 -0.17
C TYR B 228 -12.25 -3.47 1.24
N THR B 229 -11.10 -4.07 1.27
CA THR B 229 -10.42 -4.35 2.55
C THR B 229 -9.79 -2.95 2.88
N LYS B 230 -9.85 -2.48 4.10
CA LYS B 230 -9.27 -1.15 4.44
C LYS B 230 -7.84 -1.43 4.86
N VAL B 231 -6.95 -1.11 3.99
CA VAL B 231 -5.51 -1.33 4.22
C VAL B 231 -4.93 -0.67 5.49
N SER B 232 -5.34 0.52 5.83
CA SER B 232 -4.79 1.17 7.05
C SER B 232 -4.87 0.29 8.30
N ASP B 233 -5.94 -0.47 8.38
CA ASP B 233 -6.13 -1.36 9.54
C ASP B 233 -5.20 -2.55 9.56
N PHE B 234 -4.47 -2.76 8.51
CA PHE B 234 -3.53 -3.94 8.46
C PHE B 234 -2.07 -3.54 8.35
N ARG B 235 -1.81 -2.27 8.51
CA ARG B 235 -0.40 -1.75 8.43
C ARG B 235 0.59 -2.60 9.25
N GLU B 236 0.30 -2.73 10.52
CA GLU B 236 1.21 -3.51 11.40
C GLU B 236 1.30 -4.97 11.03
N TRP B 237 0.21 -5.50 10.55
CA TRP B 237 0.21 -6.94 10.15
C TRP B 237 1.20 -7.06 8.95
N ILE B 238 1.11 -6.13 8.04
CA ILE B 238 2.01 -6.15 6.85
C ILE B 238 3.47 -6.00 7.27
N PHE B 239 3.75 -4.99 8.05
CA PHE B 239 5.17 -4.79 8.49
C PHE B 239 5.69 -6.02 9.19
N GLN B 240 4.89 -6.57 10.05
CA GLN B 240 5.32 -7.80 10.78
C GLN B 240 5.56 -8.97 9.80
N ALA B 241 4.54 -9.31 9.08
CA ALA B 241 4.63 -10.44 8.09
C ALA B 241 5.86 -10.42 7.23
N ILE B 242 6.17 -9.26 6.73
CA ILE B 242 7.35 -9.19 5.88
C ILE B 242 8.57 -9.52 6.71
N LYS B 243 8.73 -8.91 7.85
CA LYS B 243 9.93 -9.23 8.67
C LYS B 243 9.92 -10.73 8.95
N THR B 244 8.92 -11.15 9.64
CA THR B 244 8.70 -12.57 10.02
C THR B 244 8.94 -13.67 8.94
N HIS B 245 8.31 -13.48 7.81
CA HIS B 245 8.41 -14.47 6.70
C HIS B 245 9.27 -14.19 5.50
N SER B 246 10.10 -13.22 5.57
CA SER B 246 10.98 -12.93 4.38
C SER B 246 11.69 -14.16 3.77
N GLU B 247 11.99 -15.08 4.65
CA GLU B 247 12.69 -16.35 4.27
C GLU B 247 11.74 -17.56 4.38
N ALA B 248 10.47 -17.35 4.15
CA ALA B 248 9.51 -18.50 4.24
C ALA B 248 9.24 -19.00 2.80
N SER B 249 8.70 -20.18 2.71
CA SER B 249 8.38 -20.79 1.40
C SER B 249 7.02 -21.51 1.67
N GLY B 250 6.04 -21.41 0.82
CA GLY B 250 4.72 -22.11 1.10
C GLY B 250 3.57 -21.14 1.45
N MET B 251 2.49 -21.71 1.91
CA MET B 251 1.26 -20.94 2.31
C MET B 251 1.41 -20.84 3.82
N VAL B 252 1.39 -19.67 4.37
CA VAL B 252 1.54 -19.57 5.83
C VAL B 252 0.48 -18.56 6.23
N THR B 253 0.23 -18.45 7.50
CA THR B 253 -0.78 -17.48 7.98
C THR B 253 -0.09 -16.66 9.05
N GLN B 254 -0.60 -15.48 9.19
CA GLN B 254 -0.13 -14.50 10.19
C GLN B 254 -1.48 -13.87 10.58
C1 CR4 C . -16.67 -7.27 -7.19
C2 CR4 C . -15.24 -7.11 -7.01
C3 CR4 C . -14.35 -8.20 -7.00
C4 CR4 C . -14.93 -9.42 -7.17
C5 CR4 C . -16.26 -9.62 -7.36
C6 CR4 C . -17.15 -8.58 -7.38
C7 CR4 C . -17.53 -6.16 -7.19
N1 CR4 C . -18.73 -6.24 -7.69
N2 CR4 C . -17.17 -5.01 -6.70
N3 CR4 C . -14.39 -10.58 -7.21
N4 CR4 C . -16.57 -10.89 -7.51
C8 CR4 C . -15.37 -11.42 -7.42
C1' CR4 C . -15.17 -12.80 -7.49
C2' CR4 C . -16.16 -13.71 -7.91
C3' CR4 C . -15.93 -15.08 -7.92
C4' CR4 C . -14.70 -15.57 -7.51
C5' CR4 C . -13.69 -14.70 -7.09
C6' CR4 C . -13.93 -13.33 -7.08
O6' CR4 C . -12.96 -12.43 -6.69
HC2 CR4 C . -14.84 -6.12 -6.86
HC3 CR4 C . -13.28 -8.09 -6.86
HC6 CR4 C . -18.22 -8.76 -7.51
HH11 CR4 C . -19.05 -7.10 -8.08
HH12 CR4 C . -19.32 -5.43 -7.72
HH21 CR4 C . -16.25 -4.91 -6.33
HH22 CR4 C . -17.80 -4.24 -6.71
HN3 CR4 C . -13.44 -10.78 -7.10
HC2' CR4 C . -17.13 -13.35 -8.22
HC3' CR4 C . -16.71 -15.74 -8.25
HC4' CR4 C . -14.51 -16.64 -7.51
HC5' CR4 C . -12.73 -15.08 -6.78
#